data_3RH3
#
_entry.id   3RH3
#
_cell.length_a   64.409
_cell.length_b   50.547
_cell.length_c   87.943
_cell.angle_alpha   90.000
_cell.angle_beta   107.410
_cell.angle_gamma   90.000
#
_symmetry.space_group_name_H-M   'P 1 21 1'
#
loop_
_entity.id
_entity.type
_entity.pdbx_description
1 polymer 'Uncharacterized DUF3829-like protein'
2 non-polymer DI(HYDROXYETHYL)ETHER
3 non-polymer 1,2-ETHANEDIOL
4 water water
#
_entity_poly.entity_id   1
_entity_poly.type   'polypeptide(L)'
_entity_poly.pdbx_seq_one_letter_code
;GQTVSSESTEELDDASKVINYYH(MSE)SLAVLRHVANAKDINAVLGY(MSE)EQTGKVPEVDPIAPPEIAARDTAELLD
PGDYFNPEVRQNLKQNYAGLFNVRTQFYDNFNKFLAYKKSKDTAKTAQLLDENYKLSVELSEYKQVIFDILSPLTEQAES
ELLADEPLKDQI(MSE)A(MSE)RK(MSE)SGTVQSI(MSE)NLYSRKHA(MSE)DGVRIDLK(MSE)AELEKELKAAEK
IPAVTGYDEELKNFQSFLSTVKSF(MSE)ND(MSE)QKARSKGAYSDKEYQA(MSE)SEAYEYGLSVI
;
_entity_poly.pdbx_strand_id   A,B
#
loop_
_chem_comp.id
_chem_comp.type
_chem_comp.name
_chem_comp.formula
EDO non-polymer 1,2-ETHANEDIOL 'C2 H6 O2'
PEG non-polymer DI(HYDROXYETHYL)ETHER 'C4 H10 O3'
#
# COMPACT_ATOMS: atom_id res chain seq x y z
N THR A 9 -19.70 3.38 -13.28
CA THR A 9 -19.03 4.40 -14.11
C THR A 9 -17.51 4.27 -14.04
N GLU A 10 -16.83 4.56 -15.17
CA GLU A 10 -15.38 4.50 -15.30
C GLU A 10 -14.67 5.61 -14.51
N GLU A 11 -15.18 6.86 -14.60
CA GLU A 11 -14.63 8.04 -13.92
C GLU A 11 -14.67 7.91 -12.38
N LEU A 12 -15.75 7.27 -11.83
CA LEU A 12 -15.95 7.04 -10.39
C LEU A 12 -14.89 6.08 -9.84
N ASP A 13 -14.63 4.96 -10.55
CA ASP A 13 -13.59 4.00 -10.17
C ASP A 13 -12.20 4.67 -10.23
N ASP A 14 -11.91 5.44 -11.32
CA ASP A 14 -10.67 6.19 -11.50
C ASP A 14 -10.49 7.22 -10.37
N ALA A 15 -11.58 7.92 -9.98
CA ALA A 15 -11.57 8.88 -8.87
C ALA A 15 -11.28 8.18 -7.54
N SER A 16 -11.80 6.96 -7.33
CA SER A 16 -11.55 6.24 -6.08
C SER A 16 -10.12 5.67 -6.03
N LYS A 17 -9.49 5.43 -7.21
CA LYS A 17 -8.11 4.94 -7.30
C LYS A 17 -7.16 6.10 -6.99
N VAL A 18 -7.55 7.34 -7.34
CA VAL A 18 -6.79 8.57 -7.01
C VAL A 18 -6.80 8.76 -5.47
N ILE A 19 -7.98 8.60 -4.84
CA ILE A 19 -8.17 8.73 -3.39
C ILE A 19 -7.34 7.67 -2.67
N ASN A 20 -7.44 6.38 -3.10
CA ASN A 20 -6.67 5.30 -2.51
CA ASN A 20 -6.68 5.29 -2.50
C ASN A 20 -5.16 5.53 -2.65
N TYR A 21 -4.72 6.06 -3.81
CA TYR A 21 -3.30 6.36 -4.01
C TYR A 21 -2.86 7.41 -2.98
N TYR A 22 -3.66 8.48 -2.82
CA TYR A 22 -3.38 9.53 -1.81
C TYR A 22 -3.28 8.92 -0.39
N HIS A 23 -4.22 8.05 -0.01
CA HIS A 23 -4.21 7.42 1.31
C HIS A 23 -2.95 6.58 1.54
N MSE A 24 -2.52 5.84 0.50
CA MSE A 24 -1.32 5.00 0.56
CA MSE A 24 -1.32 5.01 0.55
C MSE A 24 -0.08 5.87 0.68
O MSE A 24 0.82 5.53 1.43
CB MSE A 24 -1.22 4.08 -0.65
CB MSE A 24 -1.23 4.14 -0.70
CG MSE A 24 -2.21 2.92 -0.60
CG MSE A 24 -0.58 2.81 -0.45
SE MSE A 24 -2.22 1.82 -2.21
SE MSE A 24 -0.37 1.88 -2.14
CE MSE A 24 -0.51 0.90 -1.98
CE MSE A 24 -2.24 1.53 -2.58
N SER A 25 -0.06 7.02 -0.04
CA SER A 25 1.03 8.00 -0.01
C SER A 25 1.15 8.60 1.36
N LEU A 26 0.04 9.06 1.90
CA LEU A 26 -0.06 9.64 3.24
C LEU A 26 0.47 8.63 4.28
N ALA A 27 0.08 7.32 4.18
CA ALA A 27 0.53 6.27 5.10
C ALA A 27 2.05 6.02 4.99
N VAL A 28 2.59 5.91 3.76
CA VAL A 28 4.02 5.65 3.54
C VAL A 28 4.86 6.87 3.99
N LEU A 29 4.47 8.07 3.58
CA LEU A 29 5.16 9.31 3.92
C LEU A 29 5.16 9.59 5.42
N ARG A 30 4.06 9.23 6.14
CA ARG A 30 3.98 9.40 7.60
C ARG A 30 4.93 8.42 8.29
N HIS A 31 5.25 7.28 7.65
CA HIS A 31 6.13 6.27 8.23
C HIS A 31 7.61 6.52 7.91
N VAL A 32 7.95 6.93 6.67
CA VAL A 32 9.36 7.06 6.26
C VAL A 32 9.91 8.50 6.34
N ALA A 33 9.05 9.52 6.24
CA ALA A 33 9.50 10.91 6.25
C ALA A 33 8.85 11.70 7.36
N ASN A 34 8.73 11.07 8.54
CA ASN A 34 8.14 11.71 9.70
C ASN A 34 9.15 12.69 10.30
N ALA A 35 8.78 13.97 10.39
CA ALA A 35 9.63 15.04 10.94
C ALA A 35 10.13 14.75 12.36
N LYS A 36 9.28 14.17 13.22
CA LYS A 36 9.63 13.83 14.61
C LYS A 36 10.81 12.83 14.65
N ASP A 37 10.84 11.85 13.72
CA ASP A 37 11.94 10.87 13.66
C ASP A 37 13.21 11.52 13.12
N ILE A 38 13.10 12.32 12.06
CA ILE A 38 14.22 13.01 11.45
C ILE A 38 14.82 14.05 12.44
N ASN A 39 13.98 14.85 13.08
CA ASN A 39 14.42 15.88 14.02
C ASN A 39 15.03 15.29 15.29
N ALA A 40 14.55 14.10 15.75
CA ALA A 40 15.11 13.39 16.91
C ALA A 40 16.57 12.96 16.62
N VAL A 41 16.81 12.49 15.39
CA VAL A 41 18.12 12.08 14.92
C VAL A 41 19.04 13.30 14.87
N LEU A 42 18.56 14.43 14.29
CA LEU A 42 19.32 15.70 14.23
C LEU A 42 19.65 16.18 15.63
N GLY A 43 18.69 16.04 16.54
CA GLY A 43 18.83 16.39 17.95
C GLY A 43 19.93 15.58 18.60
N TYR A 44 19.97 14.26 18.33
CA TYR A 44 21.00 13.36 18.84
C TYR A 44 22.38 13.80 18.37
N MSE A 45 22.51 14.15 17.09
CA MSE A 45 23.76 14.57 16.44
C MSE A 45 24.26 15.95 16.89
O MSE A 45 25.41 16.30 16.58
CB MSE A 45 23.61 14.55 14.93
CG MSE A 45 23.40 13.15 14.39
SE MSE A 45 22.98 13.22 12.52
CE MSE A 45 24.74 13.50 11.78
N GLU A 46 23.43 16.72 17.61
CA GLU A 46 23.79 18.03 18.14
C GLU A 46 24.38 17.91 19.53
N GLN A 47 23.97 16.85 20.28
CA GLN A 47 24.38 16.58 21.66
C GLN A 47 25.90 16.53 21.78
N THR A 48 26.44 17.53 22.48
CA THR A 48 27.87 17.74 22.77
C THR A 48 28.25 16.87 23.99
N GLY A 49 28.31 15.56 23.75
CA GLY A 49 28.62 14.55 24.75
C GLY A 49 27.46 13.61 24.98
N THR A 67 10.79 -2.34 -2.50
CA THR A 67 9.60 -2.66 -1.70
C THR A 67 8.52 -1.58 -1.83
N ALA A 68 8.95 -0.31 -2.08
CA ALA A 68 8.07 0.85 -2.26
C ALA A 68 7.40 0.84 -3.66
N GLU A 69 7.37 -0.34 -4.34
CA GLU A 69 6.76 -0.56 -5.66
C GLU A 69 5.22 -0.52 -5.60
N LEU A 70 4.64 -0.41 -4.38
CA LEU A 70 3.20 -0.28 -4.14
C LEU A 70 2.72 1.12 -4.50
N LEU A 71 3.66 2.08 -4.56
CA LEU A 71 3.40 3.50 -4.88
C LEU A 71 3.60 3.81 -6.36
N ASP A 72 3.75 2.78 -7.22
CA ASP A 72 3.88 2.96 -8.66
C ASP A 72 2.56 3.52 -9.16
N PRO A 73 2.52 4.79 -9.64
CA PRO A 73 1.21 5.38 -9.99
C PRO A 73 0.67 4.85 -11.30
N GLY A 74 -0.60 4.46 -11.32
CA GLY A 74 -1.29 3.92 -12.49
C GLY A 74 -1.82 4.99 -13.43
N ASP A 75 -2.50 4.58 -14.50
CA ASP A 75 -2.95 5.51 -15.54
C ASP A 75 -4.21 6.30 -15.18
N TYR A 76 -4.68 6.20 -13.92
CA TYR A 76 -5.74 7.06 -13.39
C TYR A 76 -5.12 8.49 -13.24
N PHE A 77 -3.76 8.59 -13.30
CA PHE A 77 -2.95 9.81 -13.35
C PHE A 77 -2.40 9.94 -14.76
N ASN A 78 -2.18 11.16 -15.25
CA ASN A 78 -1.60 11.32 -16.58
C ASN A 78 -0.04 11.07 -16.52
N PRO A 79 0.62 10.88 -17.69
CA PRO A 79 2.06 10.52 -17.69
C PRO A 79 2.98 11.49 -16.98
N GLU A 80 2.73 12.80 -17.09
CA GLU A 80 3.52 13.83 -16.42
C GLU A 80 3.39 13.63 -14.92
N VAL A 81 2.16 13.44 -14.44
CA VAL A 81 1.91 13.24 -13.01
C VAL A 81 2.61 11.97 -12.52
N ARG A 82 2.53 10.86 -13.28
CA ARG A 82 3.14 9.59 -12.90
C ARG A 82 4.66 9.75 -12.79
N GLN A 83 5.29 10.40 -13.79
CA GLN A 83 6.72 10.65 -13.79
C GLN A 83 7.15 11.56 -12.60
N ASN A 84 6.40 12.63 -12.33
CA ASN A 84 6.68 13.53 -11.20
C ASN A 84 6.61 12.79 -9.89
N LEU A 85 5.62 11.92 -9.72
CA LEU A 85 5.50 11.16 -8.49
C LEU A 85 6.69 10.20 -8.32
N LYS A 86 7.07 9.50 -9.41
CA LYS A 86 8.15 8.53 -9.43
CA LYS A 86 8.15 8.53 -9.43
C LYS A 86 9.49 9.20 -9.11
N GLN A 87 9.75 10.36 -9.69
CA GLN A 87 11.00 11.10 -9.51
C GLN A 87 11.12 11.64 -8.08
N ASN A 88 10.02 12.14 -7.54
CA ASN A 88 10.00 12.72 -6.20
C ASN A 88 10.08 11.64 -5.12
N TYR A 89 9.47 10.48 -5.34
CA TYR A 89 9.58 9.36 -4.40
C TYR A 89 10.99 8.77 -4.46
N ALA A 90 11.62 8.76 -5.66
CA ALA A 90 12.98 8.28 -5.79
C ALA A 90 13.92 9.21 -5.03
N GLY A 91 13.73 10.52 -5.21
CA GLY A 91 14.52 11.52 -4.53
C GLY A 91 14.33 11.39 -3.03
N LEU A 92 13.07 11.31 -2.59
CA LEU A 92 12.77 11.16 -1.18
C LEU A 92 13.57 9.99 -0.55
N PHE A 93 13.44 8.75 -1.09
CA PHE A 93 14.11 7.55 -0.56
C PHE A 93 15.65 7.65 -0.64
N ASN A 94 16.18 8.31 -1.68
CA ASN A 94 17.62 8.51 -1.87
CA ASN A 94 17.62 8.46 -1.83
C ASN A 94 18.17 9.41 -0.75
N VAL A 95 17.52 10.58 -0.51
CA VAL A 95 18.00 11.49 0.52
C VAL A 95 17.76 10.87 1.93
N ARG A 96 16.71 10.03 2.11
CA ARG A 96 16.45 9.35 3.37
C ARG A 96 17.56 8.36 3.70
N THR A 97 18.00 7.58 2.69
CA THR A 97 19.08 6.60 2.83
C THR A 97 20.37 7.31 3.20
N GLN A 98 20.72 8.41 2.49
CA GLN A 98 21.91 9.24 2.76
C GLN A 98 21.89 9.76 4.20
N PHE A 99 20.71 10.24 4.66
CA PHE A 99 20.50 10.77 6.01
C PHE A 99 20.82 9.72 7.08
N TYR A 100 20.19 8.53 6.99
CA TYR A 100 20.39 7.48 7.98
C TYR A 100 21.76 6.82 7.88
N ASP A 101 22.39 6.81 6.66
CA ASP A 101 23.76 6.30 6.46
C ASP A 101 24.74 7.22 7.16
N ASN A 102 24.54 8.56 7.01
CA ASN A 102 25.34 9.59 7.63
C ASN A 102 25.23 9.51 9.15
N PHE A 103 24.02 9.20 9.67
CA PHE A 103 23.79 9.03 11.10
C PHE A 103 24.56 7.83 11.66
N ASN A 104 24.54 6.67 10.96
CA ASN A 104 25.28 5.48 11.40
C ASN A 104 26.81 5.71 11.32
N LYS A 105 27.27 6.49 10.31
CA LYS A 105 28.67 6.89 10.12
C LYS A 105 29.07 7.83 11.28
N PHE A 106 28.15 8.74 11.66
CA PHE A 106 28.31 9.69 12.75
C PHE A 106 28.59 8.98 14.09
N LEU A 107 27.81 7.90 14.40
CA LEU A 107 27.91 7.12 15.65
C LEU A 107 29.28 6.45 15.77
N ALA A 108 29.85 6.01 14.64
CA ALA A 108 31.16 5.38 14.55
C ALA A 108 32.27 6.44 14.73
N TYR A 109 32.09 7.63 14.10
CA TYR A 109 33.03 8.75 14.17
C TYR A 109 33.04 9.41 15.57
N LYS A 110 31.86 9.49 16.26
CA LYS A 110 31.72 10.05 17.60
C LYS A 110 32.51 9.23 18.63
N LYS A 111 32.57 7.89 18.45
CA LYS A 111 33.31 6.95 19.28
C LYS A 111 34.83 7.08 19.01
N SER A 112 35.20 7.41 17.75
CA SER A 112 36.57 7.58 17.24
C SER A 112 37.15 8.99 17.58
N LYS A 113 36.35 9.86 18.24
CA LYS A 113 36.69 11.23 18.66
C LYS A 113 37.03 12.16 17.46
N ASP A 114 36.51 11.84 16.25
CA ASP A 114 36.72 12.65 15.04
C ASP A 114 35.69 13.77 15.04
N THR A 115 36.06 14.91 15.64
CA THR A 115 35.22 16.12 15.78
C THR A 115 34.96 16.79 14.43
N ALA A 116 35.93 16.73 13.50
CA ALA A 116 35.85 17.33 12.17
C ALA A 116 34.80 16.62 11.27
N LYS A 117 34.82 15.27 11.27
CA LYS A 117 33.92 14.44 10.47
C LYS A 117 32.49 14.46 11.02
N THR A 118 32.30 14.41 12.37
CA THR A 118 30.97 14.45 12.99
C THR A 118 30.25 15.77 12.65
N ALA A 119 31.00 16.90 12.65
CA ALA A 119 30.50 18.25 12.35
C ALA A 119 30.06 18.34 10.87
N GLN A 120 30.80 17.68 9.95
CA GLN A 120 30.51 17.63 8.52
C GLN A 120 29.24 16.83 8.26
N LEU A 121 29.08 15.67 8.96
CA LEU A 121 27.92 14.79 8.83
C LEU A 121 26.64 15.47 9.33
N LEU A 122 26.72 16.23 10.45
CA LEU A 122 25.60 16.99 11.00
C LEU A 122 25.20 18.07 10.01
N ASP A 123 26.22 18.76 9.44
CA ASP A 123 26.02 19.80 8.43
C ASP A 123 25.32 19.21 7.20
N GLU A 124 25.73 18.00 6.76
CA GLU A 124 25.12 17.29 5.63
C GLU A 124 23.67 16.88 5.95
N ASN A 125 23.46 16.32 7.15
CA ASN A 125 22.16 15.83 7.58
C ASN A 125 21.14 16.95 7.77
N TYR A 126 21.58 18.20 8.08
CA TYR A 126 20.69 19.37 8.14
C TYR A 126 20.12 19.66 6.75
N LYS A 127 21.00 19.69 5.73
CA LYS A 127 20.62 19.92 4.33
C LYS A 127 19.71 18.77 3.82
N LEU A 128 20.05 17.51 4.16
CA LEU A 128 19.27 16.35 3.71
C LEU A 128 17.87 16.33 4.33
N SER A 129 17.72 16.76 5.60
CA SER A 129 16.42 16.78 6.27
C SER A 129 15.46 17.75 5.58
N VAL A 130 15.97 18.87 5.06
CA VAL A 130 15.18 19.87 4.34
C VAL A 130 14.76 19.28 2.99
N GLU A 131 15.71 18.65 2.27
CA GLU A 131 15.47 17.97 0.99
C GLU A 131 14.36 16.92 1.14
N LEU A 132 14.43 16.10 2.21
CA LEU A 132 13.42 15.07 2.50
C LEU A 132 12.03 15.70 2.72
N SER A 133 11.99 16.83 3.43
CA SER A 133 10.79 17.57 3.72
C SER A 133 10.20 18.17 2.43
N GLU A 134 11.06 18.72 1.55
CA GLU A 134 10.67 19.30 0.26
C GLU A 134 10.07 18.23 -0.65
N TYR A 135 10.70 17.05 -0.77
CA TYR A 135 10.20 15.94 -1.60
C TYR A 135 8.78 15.54 -1.17
N LYS A 136 8.59 15.39 0.16
CA LYS A 136 7.31 15.05 0.74
CA LYS A 136 7.31 15.07 0.77
C LYS A 136 6.28 16.14 0.38
N GLN A 137 6.67 17.43 0.47
CA GLN A 137 5.81 18.54 0.12
C GLN A 137 5.45 18.52 -1.36
N VAL A 138 6.44 18.28 -2.24
CA VAL A 138 6.20 18.22 -3.69
C VAL A 138 5.17 17.06 -3.98
N ILE A 139 5.28 15.90 -3.31
CA ILE A 139 4.35 14.77 -3.52
C ILE A 139 2.93 15.19 -3.12
N PHE A 140 2.77 15.87 -1.96
CA PHE A 140 1.46 16.33 -1.53
C PHE A 140 0.94 17.42 -2.47
N ASP A 141 1.81 18.34 -2.94
CA ASP A 141 1.45 19.39 -3.91
C ASP A 141 0.94 18.79 -5.22
N ILE A 142 1.57 17.73 -5.73
CA ILE A 142 1.14 17.04 -6.94
C ILE A 142 -0.26 16.46 -6.74
N LEU A 143 -0.47 15.75 -5.65
CA LEU A 143 -1.69 15.00 -5.40
C LEU A 143 -2.87 15.84 -5.01
N SER A 144 -2.63 16.99 -4.31
CA SER A 144 -3.69 17.86 -3.76
C SER A 144 -4.76 18.25 -4.81
N PRO A 145 -4.46 18.87 -5.98
CA PRO A 145 -5.54 19.20 -6.91
C PRO A 145 -6.22 17.96 -7.54
N LEU A 146 -5.48 16.84 -7.60
CA LEU A 146 -5.98 15.59 -8.17
C LEU A 146 -6.96 14.90 -7.21
N THR A 147 -6.61 14.85 -5.91
CA THR A 147 -7.45 14.28 -4.85
C THR A 147 -8.72 15.14 -4.76
N GLU A 148 -8.58 16.47 -4.90
CA GLU A 148 -9.67 17.45 -4.88
C GLU A 148 -10.68 17.20 -6.00
N GLN A 149 -10.21 17.03 -7.25
CA GLN A 149 -11.03 16.73 -8.40
C GLN A 149 -11.76 15.39 -8.21
N ALA A 150 -11.06 14.38 -7.68
CA ALA A 150 -11.65 13.07 -7.41
C ALA A 150 -12.73 13.17 -6.34
N GLU A 151 -12.48 13.94 -5.26
CA GLU A 151 -13.47 14.13 -4.20
C GLU A 151 -14.68 14.87 -4.73
N SER A 152 -14.50 15.88 -5.57
CA SER A 152 -15.61 16.64 -6.15
C SER A 152 -16.57 15.74 -6.94
N GLU A 153 -16.02 14.68 -7.58
CA GLU A 153 -16.77 13.71 -8.37
C GLU A 153 -17.50 12.71 -7.50
N LEU A 154 -16.81 12.19 -6.45
CA LEU A 154 -17.39 11.21 -5.55
C LEU A 154 -18.41 11.83 -4.60
N LEU A 155 -18.36 13.16 -4.38
CA LEU A 155 -19.26 13.88 -3.47
C LEU A 155 -20.27 14.75 -4.20
N ALA A 156 -20.35 14.64 -5.55
CA ALA A 156 -21.25 15.42 -6.39
C ALA A 156 -22.71 15.48 -5.88
N ASP A 157 -23.22 14.38 -5.31
CA ASP A 157 -24.61 14.27 -4.81
C ASP A 157 -24.69 14.41 -3.28
N GLU A 158 -23.61 14.86 -2.64
CA GLU A 158 -23.56 15.02 -1.20
C GLU A 158 -24.09 16.43 -0.83
N PRO A 159 -25.16 16.55 0.00
CA PRO A 159 -25.68 17.90 0.36
C PRO A 159 -24.64 18.81 1.03
N LEU A 160 -23.65 18.25 1.73
CA LEU A 160 -22.62 19.03 2.42
C LEU A 160 -21.25 18.98 1.72
N LYS A 161 -21.28 18.79 0.39
CA LYS A 161 -20.08 18.74 -0.46
C LYS A 161 -19.14 19.91 -0.16
N ASP A 162 -19.66 21.18 -0.21
CA ASP A 162 -18.87 22.40 -0.01
C ASP A 162 -18.14 22.40 1.34
N GLN A 163 -18.88 22.01 2.42
CA GLN A 163 -18.36 21.94 3.77
CA GLN A 163 -18.36 21.90 3.79
C GLN A 163 -17.21 20.90 3.85
N ILE A 164 -17.44 19.65 3.33
CA ILE A 164 -16.46 18.55 3.32
C ILE A 164 -15.22 18.95 2.52
N MSE A 165 -15.41 19.48 1.30
CA MSE A 165 -14.33 19.94 0.42
CA MSE A 165 -14.27 19.87 0.48
C MSE A 165 -13.47 20.99 1.13
O MSE A 165 -12.25 20.93 1.10
CB MSE A 165 -14.89 20.55 -0.90
CB MSE A 165 -14.71 20.23 -0.94
CG MSE A 165 -15.59 19.53 -1.81
CG MSE A 165 -15.21 19.01 -1.69
SE MSE A 165 -14.47 18.03 -2.30
SE MSE A 165 -15.35 19.30 -3.58
CE MSE A 165 -13.31 18.97 -3.52
CE MSE A 165 -16.39 21.07 -3.56
N ALA A 166 -14.13 21.98 1.81
CA ALA A 166 -13.43 23.04 2.53
C ALA A 166 -12.54 22.47 3.64
N MSE A 167 -13.08 21.56 4.44
CA MSE A 167 -12.31 20.98 5.55
C MSE A 167 -11.11 20.20 5.02
O MSE A 167 -10.02 20.39 5.53
CB MSE A 167 -13.18 20.08 6.42
CG MSE A 167 -14.12 20.86 7.28
SE MSE A 167 -15.08 19.76 8.57
CE MSE A 167 -16.62 19.30 7.47
N ARG A 168 -11.32 19.35 4.00
CA ARG A 168 -10.25 18.62 3.34
C ARG A 168 -9.14 19.56 2.82
N LYS A 169 -9.49 20.66 2.16
CA LYS A 169 -8.47 21.59 1.64
C LYS A 169 -7.70 22.30 2.77
N MSE A 170 -8.41 22.75 3.83
CA MSE A 170 -7.78 23.43 4.98
C MSE A 170 -6.86 22.50 5.73
O MSE A 170 -5.77 22.92 6.10
CB MSE A 170 -8.84 24.03 5.90
CG MSE A 170 -9.52 25.25 5.23
SE MSE A 170 -10.69 26.15 6.45
CE MSE A 170 -12.27 25.14 6.14
N SER A 171 -7.25 21.20 5.85
CA SER A 171 -6.44 20.18 6.50
C SER A 171 -5.14 19.99 5.76
N GLY A 172 -5.22 20.00 4.42
CA GLY A 172 -4.05 19.91 3.55
C GLY A 172 -3.13 21.10 3.74
N THR A 173 -3.72 22.32 3.80
CA THR A 173 -2.95 23.57 3.99
C THR A 173 -2.27 23.54 5.38
N VAL A 174 -2.98 23.05 6.43
CA VAL A 174 -2.42 22.97 7.78
C VAL A 174 -1.19 22.03 7.76
N GLN A 175 -1.35 20.86 7.11
CA GLN A 175 -0.31 19.84 6.97
C GLN A 175 0.93 20.45 6.25
N SER A 176 0.72 21.24 5.18
CA SER A 176 1.82 21.94 4.47
C SER A 176 2.54 22.92 5.42
N ILE A 177 1.77 23.69 6.22
CA ILE A 177 2.35 24.66 7.17
C ILE A 177 3.21 23.92 8.22
N MSE A 178 2.69 22.78 8.75
CA MSE A 178 3.40 22.00 9.75
C MSE A 178 4.68 21.43 9.16
O MSE A 178 5.72 21.47 9.81
CB MSE A 178 2.51 20.90 10.34
CG MSE A 178 1.49 21.47 11.36
SE MSE A 178 2.42 22.05 12.98
CE MSE A 178 2.44 20.36 13.84
N ASN A 179 4.62 20.98 7.91
CA ASN A 179 5.79 20.46 7.19
C ASN A 179 6.86 21.55 7.05
N LEU A 180 6.45 22.78 6.70
CA LEU A 180 7.36 23.91 6.56
C LEU A 180 7.95 24.31 7.90
N TYR A 181 7.12 24.25 8.97
CA TYR A 181 7.58 24.58 10.29
C TYR A 181 8.55 23.52 10.84
N SER A 182 8.23 22.22 10.64
CA SER A 182 8.95 21.04 11.15
C SER A 182 10.45 20.92 10.75
N ARG A 183 10.97 21.84 9.97
CA ARG A 183 12.33 21.79 9.47
C ARG A 183 13.29 22.36 10.50
N LYS A 184 13.74 21.50 11.40
CA LYS A 184 14.70 21.81 12.44
C LYS A 184 15.96 22.39 11.79
N HIS A 185 16.42 23.54 12.31
CA HIS A 185 17.58 24.31 11.82
C HIS A 185 17.28 25.08 10.52
N ALA A 186 16.00 25.08 10.06
CA ALA A 186 15.66 25.72 8.78
C ALA A 186 14.16 26.03 8.63
N MSE A 187 13.51 26.45 9.71
CA MSE A 187 12.09 26.83 9.68
C MSE A 187 11.86 27.88 8.56
O MSE A 187 12.51 28.91 8.53
CB MSE A 187 11.68 27.39 11.05
CG MSE A 187 10.19 27.55 11.18
SE MSE A 187 9.78 28.95 12.38
CE MSE A 187 10.39 30.46 11.26
N ASP A 188 11.02 27.55 7.61
CA ASP A 188 10.81 28.39 6.43
C ASP A 188 9.67 29.37 6.63
N GLY A 189 10.02 30.52 7.22
CA GLY A 189 9.11 31.61 7.57
C GLY A 189 8.25 32.15 6.44
N VAL A 190 8.91 32.56 5.36
CA VAL A 190 8.30 33.16 4.19
C VAL A 190 7.28 32.19 3.56
N ARG A 191 7.64 30.89 3.42
CA ARG A 191 6.72 29.90 2.89
C ARG A 191 5.60 29.64 3.92
N ILE A 192 5.92 29.60 5.24
CA ILE A 192 4.86 29.47 6.24
C ILE A 192 3.87 30.62 6.04
N ASP A 193 4.37 31.90 5.93
CA ASP A 193 3.52 33.08 5.76
C ASP A 193 2.64 32.95 4.51
N LEU A 194 3.20 32.50 3.36
CA LEU A 194 2.44 32.33 2.15
C LEU A 194 1.34 31.30 2.36
N LYS A 195 1.64 30.21 3.06
CA LYS A 195 0.62 29.17 3.32
C LYS A 195 -0.43 29.62 4.35
N MSE A 196 -0.03 30.52 5.27
CA MSE A 196 -0.98 31.06 6.26
C MSE A 196 -1.98 31.99 5.56
O MSE A 196 -3.16 31.93 5.89
CB MSE A 196 -0.23 31.77 7.37
CG MSE A 196 0.52 30.78 8.26
SE MSE A 196 -0.66 30.01 9.63
CE MSE A 196 -0.80 31.60 10.74
N ALA A 197 -1.52 32.76 4.55
CA ALA A 197 -2.38 33.64 3.76
C ALA A 197 -3.37 32.78 2.95
N GLU A 198 -2.89 31.66 2.39
CA GLU A 198 -3.71 30.68 1.65
C GLU A 198 -4.80 30.12 2.61
N LEU A 199 -4.39 29.70 3.80
CA LEU A 199 -5.28 29.19 4.85
C LEU A 199 -6.34 30.24 5.29
N GLU A 200 -5.92 31.52 5.42
CA GLU A 200 -6.81 32.61 5.83
C GLU A 200 -7.89 32.83 4.75
N LYS A 201 -7.49 32.74 3.49
CA LYS A 201 -8.39 32.90 2.34
C LYS A 201 -9.40 31.74 2.31
N GLU A 202 -8.94 30.51 2.56
CA GLU A 202 -9.79 29.30 2.60
C GLU A 202 -10.78 29.38 3.77
N LEU A 203 -10.31 29.91 4.90
CA LEU A 203 -11.12 30.01 6.10
C LEU A 203 -12.29 31.01 5.92
N LYS A 204 -12.02 32.19 5.34
CA LYS A 204 -13.04 33.23 5.09
C LYS A 204 -14.07 32.74 4.08
N ALA A 205 -13.62 31.94 3.08
CA ALA A 205 -14.51 31.36 2.09
C ALA A 205 -15.40 30.30 2.75
N ALA A 206 -14.80 29.44 3.61
CA ALA A 206 -15.54 28.40 4.35
C ALA A 206 -16.62 29.02 5.24
N GLU A 207 -16.32 30.15 5.93
CA GLU A 207 -17.27 30.86 6.79
C GLU A 207 -18.49 31.39 6.00
N LYS A 208 -18.36 31.56 4.67
CA LYS A 208 -19.42 32.06 3.81
C LYS A 208 -20.24 30.93 3.18
N ILE A 209 -19.85 29.65 3.40
CA ILE A 209 -20.58 28.47 2.85
C ILE A 209 -22.01 28.49 3.42
N PRO A 210 -23.05 28.48 2.55
CA PRO A 210 -24.42 28.53 3.07
C PRO A 210 -24.78 27.24 3.81
N ALA A 211 -25.47 27.38 4.95
CA ALA A 211 -25.95 26.27 5.77
C ALA A 211 -26.99 25.46 5.00
N VAL A 212 -27.05 24.15 5.26
CA VAL A 212 -28.00 23.23 4.62
C VAL A 212 -28.98 22.78 5.70
N THR A 213 -30.29 22.87 5.42
CA THR A 213 -31.36 22.49 6.34
C THR A 213 -31.33 20.97 6.57
N GLY A 214 -31.45 20.56 7.83
CA GLY A 214 -31.47 19.17 8.26
C GLY A 214 -30.10 18.56 8.55
N TYR A 215 -29.07 19.41 8.71
CA TYR A 215 -27.69 18.97 8.97
C TYR A 215 -27.04 19.84 10.06
N ASP A 216 -27.81 20.17 11.12
CA ASP A 216 -27.35 21.01 12.24
C ASP A 216 -26.20 20.35 13.05
N GLU A 217 -26.22 19.02 13.16
CA GLU A 217 -25.20 18.26 13.89
C GLU A 217 -23.90 18.34 13.13
N GLU A 218 -23.95 18.13 11.82
CA GLU A 218 -22.78 18.23 10.94
C GLU A 218 -22.27 19.65 10.90
N LEU A 219 -23.19 20.66 10.91
CA LEU A 219 -22.84 22.09 10.91
C LEU A 219 -22.11 22.52 12.19
N LYS A 220 -22.54 22.01 13.36
CA LYS A 220 -21.87 22.30 14.61
C LYS A 220 -20.42 21.77 14.56
N ASN A 221 -20.20 20.56 14.02
CA ASN A 221 -18.86 20.00 13.96
C ASN A 221 -18.03 20.71 12.86
N PHE A 222 -18.68 21.26 11.82
CA PHE A 222 -17.99 22.07 10.80
C PHE A 222 -17.51 23.39 11.45
N GLN A 223 -18.39 24.03 12.25
CA GLN A 223 -18.07 25.27 12.97
C GLN A 223 -16.92 25.03 13.94
N SER A 224 -16.87 23.85 14.62
CA SER A 224 -15.77 23.49 15.54
C SER A 224 -14.48 23.37 14.77
N PHE A 225 -14.54 22.80 13.53
CA PHE A 225 -13.38 22.69 12.65
C PHE A 225 -12.83 24.08 12.36
N LEU A 226 -13.69 25.03 11.99
CA LEU A 226 -13.29 26.43 11.68
C LEU A 226 -12.60 27.07 12.88
N SER A 227 -13.16 26.89 14.08
CA SER A 227 -12.63 27.41 15.34
C SER A 227 -11.21 26.82 15.62
N THR A 228 -11.01 25.52 15.36
CA THR A 228 -9.73 24.79 15.51
C THR A 228 -8.71 25.31 14.52
N VAL A 229 -9.14 25.70 13.32
CA VAL A 229 -8.23 26.26 12.32
C VAL A 229 -7.70 27.62 12.85
N LYS A 230 -8.60 28.49 13.35
CA LYS A 230 -8.20 29.81 13.90
C LYS A 230 -7.25 29.61 15.09
N SER A 231 -7.49 28.59 15.93
CA SER A 231 -6.61 28.30 17.08
C SER A 231 -5.26 27.87 16.60
N PHE A 232 -5.23 27.03 15.57
CA PHE A 232 -4.00 26.55 14.95
C PHE A 232 -3.21 27.73 14.44
N MSE A 233 -3.90 28.60 13.74
CA MSE A 233 -3.32 29.81 13.15
C MSE A 233 -2.70 30.77 14.20
O MSE A 233 -1.63 31.32 13.96
CB MSE A 233 -4.37 30.54 12.31
CG MSE A 233 -4.57 29.85 10.96
SE MSE A 233 -5.87 30.73 9.85
CE MSE A 233 -4.78 31.85 8.92
N ASN A 234 -3.34 30.90 15.38
CA ASN A 234 -2.83 31.71 16.47
C ASN A 234 -1.57 31.08 17.05
N ASP A 235 -1.60 29.74 17.23
CA ASP A 235 -0.47 28.98 17.77
C ASP A 235 0.70 29.01 16.77
N MSE A 236 0.43 28.84 15.47
CA MSE A 236 1.47 28.83 14.45
C MSE A 236 2.05 30.24 14.28
O MSE A 236 3.27 30.34 14.19
CB MSE A 236 0.99 28.23 13.11
CG MSE A 236 2.08 28.18 12.03
SE MSE A 236 3.78 27.32 12.62
CE MSE A 236 3.22 25.41 12.47
N GLN A 237 1.24 31.32 14.33
CA GLN A 237 1.80 32.69 14.23
C GLN A 237 2.85 32.93 15.29
N LYS A 238 2.54 32.49 16.54
CA LYS A 238 3.40 32.62 17.71
C LYS A 238 4.64 31.77 17.56
N ALA A 239 4.48 30.51 17.14
CA ALA A 239 5.61 29.60 16.95
C ALA A 239 6.58 30.15 15.88
N ARG A 240 6.01 30.57 14.76
CA ARG A 240 6.75 31.08 13.60
C ARG A 240 7.48 32.44 13.91
N SER A 241 6.89 33.27 14.80
CA SER A 241 7.49 34.56 15.18
C SER A 241 8.84 34.43 15.87
N LYS A 242 9.17 33.23 16.39
CA LYS A 242 10.42 33.00 17.11
C LYS A 242 11.60 32.91 16.14
N GLY A 243 11.27 32.76 14.86
CA GLY A 243 12.24 32.70 13.76
C GLY A 243 13.01 31.39 13.68
N ALA A 244 12.65 30.41 14.51
CA ALA A 244 13.32 29.12 14.51
C ALA A 244 12.41 28.01 15.02
N TYR A 245 12.64 26.80 14.53
CA TYR A 245 11.94 25.60 14.95
C TYR A 245 12.23 25.31 16.41
N SER A 246 11.19 24.95 17.15
CA SER A 246 11.27 24.58 18.55
C SER A 246 10.69 23.17 18.69
N ASP A 247 11.42 22.23 19.36
CA ASP A 247 10.85 20.89 19.57
C ASP A 247 9.59 20.99 20.44
N LYS A 248 9.61 21.89 21.45
CA LYS A 248 8.50 22.14 22.38
C LYS A 248 7.25 22.64 21.63
N GLU A 249 7.41 23.58 20.69
CA GLU A 249 6.29 24.14 19.91
C GLU A 249 5.73 23.10 18.96
N TYR A 250 6.61 22.36 18.30
CA TYR A 250 6.22 21.34 17.32
C TYR A 250 5.46 20.19 18.01
N GLN A 251 5.99 19.69 19.12
CA GLN A 251 5.33 18.61 19.87
C GLN A 251 3.94 19.08 20.33
N ALA A 252 3.84 20.28 20.92
CA ALA A 252 2.57 20.87 21.40
C ALA A 252 1.54 20.99 20.28
N MSE A 253 1.94 21.60 19.17
CA MSE A 253 1.04 21.81 18.05
C MSE A 253 0.68 20.51 17.36
O MSE A 253 -0.46 20.38 16.89
CB MSE A 253 1.65 22.78 17.06
CG MSE A 253 1.58 24.25 17.53
SE MSE A 253 2.14 25.38 16.04
CE MSE A 253 4.11 24.88 16.20
N SER A 254 1.62 19.56 17.25
CA SER A 254 1.29 18.30 16.56
C SER A 254 0.30 17.48 17.39
N GLU A 255 0.43 17.53 18.70
CA GLU A 255 -0.49 16.85 19.63
C GLU A 255 -1.86 17.51 19.65
N ALA A 256 -1.90 18.87 19.66
CA ALA A 256 -3.13 19.65 19.73
C ALA A 256 -3.99 19.57 18.47
N TYR A 257 -3.39 19.36 17.30
CA TYR A 257 -4.13 19.44 16.04
C TYR A 257 -4.18 18.16 15.21
N GLU A 258 -3.46 17.11 15.62
CA GLU A 258 -3.43 15.77 15.00
C GLU A 258 -4.84 15.26 14.64
N TYR A 259 -5.75 15.19 15.62
CA TYR A 259 -7.08 14.62 15.44
C TYR A 259 -8.12 15.62 14.95
N GLY A 260 -8.00 16.88 15.33
CA GLY A 260 -8.92 17.91 14.90
C GLY A 260 -8.72 18.35 13.46
N LEU A 261 -7.46 18.43 12.99
CA LEU A 261 -7.22 18.86 11.63
C LEU A 261 -6.60 17.74 10.79
N SER A 262 -7.06 16.49 11.04
CA SER A 262 -6.61 15.25 10.40
C SER A 262 -6.79 15.31 8.89
N VAL A 263 -5.68 15.02 8.16
CA VAL A 263 -5.59 15.06 6.68
C VAL A 263 -5.87 13.67 6.04
N ILE A 264 -6.63 12.77 6.72
CA ILE A 264 -6.96 11.45 6.16
C ILE A 264 -8.14 11.61 5.17
N THR B 9 -24.83 4.19 -1.04
CA THR B 9 -23.70 5.07 -1.36
C THR B 9 -22.47 4.72 -0.48
N GLU B 10 -22.67 4.58 0.87
CA GLU B 10 -21.62 4.24 1.84
C GLU B 10 -21.16 2.79 1.65
N GLU B 11 -22.11 1.90 1.28
CA GLU B 11 -21.90 0.49 1.00
C GLU B 11 -20.88 0.32 -0.15
N LEU B 12 -20.99 1.16 -1.21
CA LEU B 12 -20.12 1.21 -2.40
C LEU B 12 -18.70 1.64 -2.05
N ASP B 13 -18.54 2.63 -1.14
CA ASP B 13 -17.21 3.07 -0.71
C ASP B 13 -16.53 1.92 0.07
N ASP B 14 -17.28 1.26 0.98
CA ASP B 14 -16.83 0.10 1.76
C ASP B 14 -16.43 -1.05 0.83
N ALA B 15 -17.22 -1.29 -0.23
CA ALA B 15 -16.93 -2.34 -1.22
C ALA B 15 -15.63 -2.04 -2.00
N SER B 16 -15.38 -0.76 -2.36
CA SER B 16 -14.15 -0.42 -3.08
C SER B 16 -12.91 -0.47 -2.14
N LYS B 17 -13.10 -0.29 -0.81
CA LYS B 17 -12.02 -0.37 0.17
C LYS B 17 -11.64 -1.85 0.35
N VAL B 18 -12.61 -2.78 0.21
CA VAL B 18 -12.38 -4.23 0.24
C VAL B 18 -11.51 -4.63 -1.00
N ILE B 19 -11.88 -4.10 -2.18
CA ILE B 19 -11.20 -4.36 -3.44
C ILE B 19 -9.76 -3.82 -3.37
N ASN B 20 -9.59 -2.57 -2.91
CA ASN B 20 -8.29 -1.94 -2.75
C ASN B 20 -7.41 -2.74 -1.75
N TYR B 21 -8.01 -3.23 -0.65
CA TYR B 21 -7.26 -4.03 0.31
C TYR B 21 -6.74 -5.31 -0.38
N TYR B 22 -7.62 -5.99 -1.16
CA TYR B 22 -7.25 -7.19 -1.91
C TYR B 22 -6.07 -6.88 -2.88
N HIS B 23 -6.16 -5.76 -3.62
CA HIS B 23 -5.10 -5.38 -4.57
C HIS B 23 -3.76 -5.14 -3.86
N MSE B 24 -3.80 -4.50 -2.69
CA MSE B 24 -2.60 -4.23 -1.89
CA MSE B 24 -2.60 -4.22 -1.89
C MSE B 24 -2.00 -5.53 -1.37
O MSE B 24 -0.79 -5.67 -1.35
CB MSE B 24 -2.89 -3.24 -0.75
CB MSE B 24 -2.95 -3.29 -0.73
CG MSE B 24 -3.09 -1.83 -1.23
CG MSE B 24 -1.81 -2.39 -0.35
SE MSE B 24 -3.62 -0.57 0.17
SE MSE B 24 -2.29 -1.33 1.20
CE MSE B 24 -1.94 -0.44 1.12
CE MSE B 24 -3.75 -0.24 0.47
N SER B 25 -2.87 -6.47 -0.96
CA SER B 25 -2.50 -7.79 -0.45
C SER B 25 -1.82 -8.59 -1.53
N LEU B 26 -2.45 -8.61 -2.72
CA LEU B 26 -1.93 -9.25 -3.94
C LEU B 26 -0.53 -8.69 -4.27
N ALA B 27 -0.36 -7.36 -4.21
CA ALA B 27 0.92 -6.73 -4.53
C ALA B 27 2.00 -7.09 -3.50
N VAL B 28 1.67 -7.07 -2.20
CA VAL B 28 2.63 -7.34 -1.13
C VAL B 28 3.02 -8.84 -1.15
N LEU B 29 2.04 -9.74 -1.22
CA LEU B 29 2.24 -11.20 -1.26
C LEU B 29 3.04 -11.61 -2.48
N ARG B 30 2.81 -10.98 -3.65
CA ARG B 30 3.62 -11.21 -4.87
C ARG B 30 5.09 -10.83 -4.66
N HIS B 31 5.36 -9.80 -3.84
CA HIS B 31 6.71 -9.33 -3.61
C HIS B 31 7.43 -10.10 -2.50
N VAL B 32 6.75 -10.44 -1.39
CA VAL B 32 7.40 -11.07 -0.23
C VAL B 32 7.25 -12.60 -0.19
N ALA B 33 6.18 -13.17 -0.77
CA ALA B 33 5.97 -14.61 -0.69
C ALA B 33 5.88 -15.22 -2.06
N ASN B 34 6.75 -14.77 -2.98
CA ASN B 34 6.75 -15.29 -4.34
C ASN B 34 7.44 -16.66 -4.36
N ALA B 35 6.74 -17.69 -4.83
CA ALA B 35 7.25 -19.07 -4.91
C ALA B 35 8.55 -19.18 -5.68
N LYS B 36 8.71 -18.45 -6.81
CA LYS B 36 9.91 -18.47 -7.64
C LYS B 36 11.14 -18.03 -6.82
N ASP B 37 11.00 -17.02 -5.93
CA ASP B 37 12.11 -16.55 -5.09
C ASP B 37 12.42 -17.56 -3.99
N ILE B 38 11.38 -18.10 -3.33
CA ILE B 38 11.53 -19.09 -2.27
C ILE B 38 12.15 -20.40 -2.84
N ASN B 39 11.63 -20.89 -3.97
CA ASN B 39 12.10 -22.12 -4.60
C ASN B 39 13.52 -21.99 -5.15
N ALA B 40 13.93 -20.77 -5.62
CA ALA B 40 15.30 -20.51 -6.09
C ALA B 40 16.30 -20.64 -4.94
N VAL B 41 15.92 -20.16 -3.76
CA VAL B 41 16.72 -20.22 -2.53
C VAL B 41 16.85 -21.70 -2.12
N LEU B 42 15.72 -22.46 -2.12
CA LEU B 42 15.72 -23.90 -1.79
C LEU B 42 16.61 -24.66 -2.77
N GLY B 43 16.54 -24.27 -4.04
CA GLY B 43 17.36 -24.83 -5.12
C GLY B 43 18.83 -24.61 -4.85
N TYR B 44 19.20 -23.39 -4.42
CA TYR B 44 20.59 -23.05 -4.09
C TYR B 44 21.10 -23.92 -2.95
N MSE B 45 20.29 -24.08 -1.90
CA MSE B 45 20.61 -24.86 -0.70
C MSE B 45 20.73 -26.37 -1.00
O MSE B 45 21.40 -27.09 -0.25
CB MSE B 45 19.57 -24.61 0.41
CG MSE B 45 19.52 -23.16 0.89
SE MSE B 45 18.08 -22.82 2.16
CE MSE B 45 18.87 -23.64 3.72
N GLU B 46 20.12 -26.85 -2.10
CA GLU B 46 20.20 -28.25 -2.55
C GLU B 46 21.55 -28.54 -3.22
N GLN B 47 22.21 -27.49 -3.78
CA GLN B 47 23.49 -27.58 -4.47
C GLN B 47 24.66 -27.57 -3.46
N THR B 67 7.63 -1.24 9.22
CA THR B 67 7.13 -2.49 8.66
C THR B 67 5.96 -2.22 7.69
N ALA B 68 5.35 -3.30 7.13
CA ALA B 68 4.21 -3.23 6.20
C ALA B 68 2.87 -3.10 6.97
N GLU B 69 2.73 -1.97 7.71
CA GLU B 69 1.54 -1.58 8.51
C GLU B 69 0.44 -0.95 7.61
N LEU B 70 0.68 -0.91 6.28
CA LEU B 70 -0.26 -0.44 5.26
C LEU B 70 -1.33 -1.51 5.05
N LEU B 71 -1.05 -2.74 5.54
CA LEU B 71 -1.92 -3.90 5.44
C LEU B 71 -2.77 -4.11 6.70
N ASP B 72 -2.90 -3.07 7.54
CA ASP B 72 -3.75 -3.10 8.74
C ASP B 72 -5.20 -3.00 8.24
N PRO B 73 -6.02 -4.04 8.41
CA PRO B 73 -7.37 -3.99 7.80
C PRO B 73 -8.34 -3.16 8.61
N GLY B 74 -9.10 -2.30 7.92
CA GLY B 74 -10.07 -1.39 8.51
C GLY B 74 -11.43 -2.04 8.77
N ASP B 75 -12.41 -1.24 9.25
CA ASP B 75 -13.71 -1.77 9.64
C ASP B 75 -14.67 -2.04 8.49
N TYR B 76 -14.18 -1.95 7.24
CA TYR B 76 -14.93 -2.39 6.05
C TYR B 76 -14.97 -3.96 6.11
N PHE B 77 -14.11 -4.56 6.98
CA PHE B 77 -14.07 -5.99 7.34
C PHE B 77 -14.59 -6.12 8.75
N ASN B 78 -15.20 -7.25 9.09
CA ASN B 78 -15.66 -7.44 10.47
C ASN B 78 -14.45 -7.82 11.40
N PRO B 79 -14.63 -7.76 12.75
CA PRO B 79 -13.49 -8.02 13.67
C PRO B 79 -12.80 -9.37 13.51
N GLU B 80 -13.56 -10.44 13.25
CA GLU B 80 -13.01 -11.77 13.06
C GLU B 80 -12.11 -11.75 11.84
N VAL B 81 -12.61 -11.16 10.74
CA VAL B 81 -11.83 -11.07 9.50
C VAL B 81 -10.54 -10.26 9.72
N ARG B 82 -10.62 -9.11 10.42
CA ARG B 82 -9.47 -8.26 10.69
C ARG B 82 -8.41 -9.03 11.51
N GLN B 83 -8.85 -9.73 12.55
CA GLN B 83 -7.95 -10.52 13.40
C GLN B 83 -7.29 -11.68 12.59
N ASN B 84 -8.08 -12.39 11.76
CA ASN B 84 -7.56 -13.48 10.93
C ASN B 84 -6.51 -12.97 9.97
N LEU B 85 -6.75 -11.81 9.35
CA LEU B 85 -5.78 -11.25 8.43
C LEU B 85 -4.48 -10.88 9.16
N LYS B 86 -4.60 -10.25 10.34
CA LYS B 86 -3.47 -9.80 11.11
C LYS B 86 -2.63 -10.97 11.63
N GLN B 87 -3.27 -12.05 12.08
CA GLN B 87 -2.57 -13.22 12.59
C GLN B 87 -1.84 -13.97 11.45
N ASN B 88 -2.48 -14.06 10.30
CA ASN B 88 -1.90 -14.77 9.15
C ASN B 88 -0.75 -13.98 8.51
N TYR B 89 -0.85 -12.63 8.48
CA TYR B 89 0.22 -11.80 7.97
C TYR B 89 1.38 -11.82 8.94
N ALA B 90 1.10 -11.89 10.27
CA ALA B 90 2.16 -11.97 11.27
C ALA B 90 2.90 -13.29 11.10
N GLY B 91 2.15 -14.39 10.94
CA GLY B 91 2.70 -15.71 10.71
C GLY B 91 3.51 -15.76 9.43
N LEU B 92 2.96 -15.20 8.36
CA LEU B 92 3.66 -15.15 7.08
C LEU B 92 5.06 -14.49 7.24
N PHE B 93 5.13 -13.24 7.76
CA PHE B 93 6.38 -12.49 7.94
C PHE B 93 7.36 -13.16 8.90
N ASN B 94 6.85 -13.82 9.94
CA ASN B 94 7.67 -14.54 10.92
C ASN B 94 8.36 -15.75 10.24
N VAL B 95 7.60 -16.58 9.50
CA VAL B 95 8.20 -17.74 8.83
C VAL B 95 9.12 -17.25 7.66
N ARG B 96 8.81 -16.11 7.03
CA ARG B 96 9.67 -15.55 5.96
C ARG B 96 11.03 -15.14 6.53
N THR B 97 11.03 -14.45 7.67
CA THR B 97 12.25 -14.00 8.36
C THR B 97 13.09 -15.21 8.76
N GLN B 98 12.47 -16.25 9.38
CA GLN B 98 13.14 -17.50 9.75
C GLN B 98 13.79 -18.16 8.52
N PHE B 99 13.07 -18.19 7.38
CA PHE B 99 13.51 -18.79 6.12
C PHE B 99 14.79 -18.10 5.62
N TYR B 100 14.77 -16.76 5.48
CA TYR B 100 15.91 -16.02 4.98
C TYR B 100 17.06 -15.94 5.98
N ASP B 101 16.77 -16.02 7.31
CA ASP B 101 17.80 -16.07 8.36
C ASP B 101 18.55 -17.39 8.25
N ASN B 102 17.78 -18.49 8.04
CA ASN B 102 18.29 -19.86 7.87
C ASN B 102 19.14 -19.96 6.62
N PHE B 103 18.77 -19.23 5.56
CA PHE B 103 19.54 -19.19 4.32
C PHE B 103 20.87 -18.48 4.53
N ASN B 104 20.88 -17.34 5.25
CA ASN B 104 22.09 -16.59 5.54
C ASN B 104 23.04 -17.41 6.42
N LYS B 105 22.47 -18.14 7.42
CA LYS B 105 23.20 -19.03 8.32
C LYS B 105 23.80 -20.18 7.53
N PHE B 106 23.02 -20.71 6.56
CA PHE B 106 23.41 -21.79 5.63
C PHE B 106 24.64 -21.37 4.84
N LEU B 107 24.63 -20.13 4.28
CA LEU B 107 25.73 -19.62 3.46
C LEU B 107 27.05 -19.58 4.25
N ALA B 108 26.98 -19.27 5.56
CA ALA B 108 28.15 -19.23 6.46
C ALA B 108 28.64 -20.65 6.75
N TYR B 109 27.70 -21.60 7.01
CA TYR B 109 28.04 -23.00 7.26
C TYR B 109 28.57 -23.67 5.98
N LYS B 110 28.15 -23.18 4.79
CA LYS B 110 28.60 -23.64 3.48
C LYS B 110 30.11 -23.33 3.33
N LYS B 111 30.54 -22.11 3.74
CA LYS B 111 31.93 -21.67 3.73
C LYS B 111 32.77 -22.52 4.70
N SER B 112 32.19 -22.82 5.90
CA SER B 112 32.75 -23.62 6.99
C SER B 112 32.74 -25.15 6.68
N LYS B 113 32.05 -25.57 5.59
CA LYS B 113 31.89 -26.95 5.12
C LYS B 113 31.20 -27.85 6.19
N ASP B 114 30.29 -27.25 6.99
CA ASP B 114 29.51 -27.95 8.01
C ASP B 114 28.29 -28.56 7.32
N THR B 115 28.45 -29.80 6.81
CA THR B 115 27.43 -30.53 6.07
C THR B 115 26.21 -30.85 6.95
N ALA B 116 26.46 -31.19 8.23
CA ALA B 116 25.44 -31.51 9.23
C ALA B 116 24.46 -30.35 9.40
N LYS B 117 24.98 -29.13 9.68
CA LYS B 117 24.18 -27.93 9.89
C LYS B 117 23.50 -27.46 8.61
N THR B 118 24.19 -27.53 7.42
CA THR B 118 23.58 -27.11 6.14
C THR B 118 22.40 -28.00 5.79
N ALA B 119 22.46 -29.31 6.13
CA ALA B 119 21.37 -30.24 5.86
C ALA B 119 20.19 -29.94 6.74
N GLN B 120 20.44 -29.63 8.04
CA GLN B 120 19.41 -29.29 9.03
C GLN B 120 18.65 -28.02 8.61
N LEU B 121 19.39 -27.00 8.14
CA LEU B 121 18.83 -25.72 7.70
C LEU B 121 17.96 -25.88 6.44
N LEU B 122 18.40 -26.74 5.49
CA LEU B 122 17.64 -27.05 4.29
C LEU B 122 16.36 -27.77 4.70
N ASP B 123 16.47 -28.73 5.64
CA ASP B 123 15.33 -29.48 6.17
C ASP B 123 14.32 -28.51 6.82
N GLU B 124 14.81 -27.52 7.60
CA GLU B 124 13.99 -26.48 8.23
C GLU B 124 13.33 -25.58 7.16
N ASN B 125 14.09 -25.16 6.15
CA ASN B 125 13.62 -24.28 5.10
C ASN B 125 12.58 -24.94 4.20
N TYR B 126 12.61 -26.28 4.04
CA TYR B 126 11.57 -26.99 3.29
C TYR B 126 10.23 -26.84 4.02
N LYS B 127 10.23 -27.07 5.35
CA LYS B 127 9.04 -26.93 6.20
C LYS B 127 8.54 -25.47 6.21
N LEU B 128 9.47 -24.50 6.33
CA LEU B 128 9.10 -23.08 6.39
C LEU B 128 8.52 -22.58 5.07
N SER B 129 9.00 -23.09 3.90
CA SER B 129 8.49 -22.69 2.60
C SER B 129 7.03 -23.10 2.44
N VAL B 130 6.64 -24.25 2.99
CA VAL B 130 5.27 -24.75 2.93
C VAL B 130 4.38 -23.87 3.84
N GLU B 131 4.86 -23.58 5.05
CA GLU B 131 4.19 -22.70 6.02
C GLU B 131 3.92 -21.32 5.39
N LEU B 132 4.93 -20.74 4.69
CA LEU B 132 4.81 -19.45 4.02
C LEU B 132 3.72 -19.50 2.93
N SER B 133 3.69 -20.60 2.17
CA SER B 133 2.74 -20.85 1.12
C SER B 133 1.32 -21.00 1.68
N GLU B 134 1.17 -21.71 2.81
CA GLU B 134 -0.11 -21.91 3.51
C GLU B 134 -0.64 -20.58 4.05
N TYR B 135 0.21 -19.78 4.71
CA TYR B 135 -0.20 -18.46 5.23
C TYR B 135 -0.75 -17.58 4.08
N LYS B 136 -0.03 -17.55 2.94
CA LYS B 136 -0.41 -16.83 1.74
CA LYS B 136 -0.39 -16.83 1.72
C LYS B 136 -1.78 -17.31 1.24
N GLN B 137 -2.01 -18.64 1.22
CA GLN B 137 -3.26 -19.26 0.81
C GLN B 137 -4.39 -18.90 1.76
N VAL B 138 -4.14 -18.96 3.07
CA VAL B 138 -5.16 -18.60 4.09
C VAL B 138 -5.60 -17.11 3.85
N ILE B 139 -4.66 -16.18 3.55
CA ILE B 139 -4.98 -14.76 3.31
C ILE B 139 -5.89 -14.63 2.10
N PHE B 140 -5.58 -15.36 0.98
CA PHE B 140 -6.42 -15.32 -0.21
C PHE B 140 -7.76 -15.97 0.06
N ASP B 141 -7.80 -17.08 0.82
CA ASP B 141 -9.04 -17.76 1.21
C ASP B 141 -9.96 -16.83 2.03
N ILE B 142 -9.40 -16.06 2.95
CA ILE B 142 -10.18 -15.09 3.76
C ILE B 142 -10.80 -14.04 2.85
N LEU B 143 -10.00 -13.46 1.95
CA LEU B 143 -10.40 -12.33 1.13
C LEU B 143 -11.32 -12.68 -0.01
N SER B 144 -11.19 -13.91 -0.57
CA SER B 144 -11.94 -14.36 -1.75
C SER B 144 -13.46 -14.14 -1.62
N PRO B 145 -14.20 -14.67 -0.61
CA PRO B 145 -15.66 -14.41 -0.59
C PRO B 145 -16.01 -12.94 -0.32
N LEU B 146 -15.08 -12.19 0.33
CA LEU B 146 -15.27 -10.78 0.65
C LEU B 146 -15.11 -9.91 -0.60
N THR B 147 -14.06 -10.17 -1.40
CA THR B 147 -13.77 -9.48 -2.67
C THR B 147 -14.95 -9.76 -3.63
N GLU B 148 -15.47 -11.00 -3.62
CA GLU B 148 -16.60 -11.47 -4.43
C GLU B 148 -17.88 -10.67 -4.11
N GLN B 149 -18.21 -10.53 -2.82
CA GLN B 149 -19.37 -9.78 -2.36
C GLN B 149 -19.22 -8.30 -2.76
N ALA B 150 -18.02 -7.74 -2.62
CA ALA B 150 -17.75 -6.35 -2.99
C ALA B 150 -17.91 -6.15 -4.50
N GLU B 151 -17.39 -7.10 -5.30
CA GLU B 151 -17.51 -7.02 -6.74
C GLU B 151 -18.98 -7.14 -7.15
N SER B 152 -19.77 -8.02 -6.53
CA SER B 152 -21.19 -8.19 -6.86
CA SER B 152 -21.18 -8.18 -6.87
C SER B 152 -21.96 -6.87 -6.66
N GLU B 153 -21.54 -6.04 -5.70
CA GLU B 153 -22.16 -4.76 -5.37
C GLU B 153 -21.74 -3.67 -6.36
N LEU B 154 -20.43 -3.62 -6.71
CA LEU B 154 -19.90 -2.62 -7.61
C LEU B 154 -20.30 -2.92 -9.06
N LEU B 155 -20.66 -4.18 -9.38
CA LEU B 155 -21.02 -4.61 -10.74
C LEU B 155 -22.52 -4.90 -10.89
N ALA B 156 -23.32 -4.58 -9.87
CA ALA B 156 -24.77 -4.82 -9.85
C ALA B 156 -25.49 -4.38 -11.17
N ASP B 157 -25.08 -3.23 -11.75
CA ASP B 157 -25.69 -2.65 -12.95
C ASP B 157 -24.85 -2.93 -14.23
N GLU B 158 -23.89 -3.85 -14.15
CA GLU B 158 -23.04 -4.21 -15.27
C GLU B 158 -23.74 -5.34 -16.08
N PRO B 159 -24.03 -5.13 -17.41
CA PRO B 159 -24.69 -6.20 -18.18
C PRO B 159 -23.88 -7.52 -18.23
N LEU B 160 -22.55 -7.46 -18.09
CA LEU B 160 -21.71 -8.67 -18.12
C LEU B 160 -21.19 -9.06 -16.74
N LYS B 161 -21.98 -8.77 -15.69
CA LYS B 161 -21.67 -9.09 -14.29
C LYS B 161 -21.31 -10.57 -14.14
N ASP B 162 -22.19 -11.49 -14.59
CA ASP B 162 -22.00 -12.95 -14.42
C ASP B 162 -20.67 -13.43 -15.02
N GLN B 163 -20.35 -12.96 -16.26
CA GLN B 163 -19.13 -13.33 -16.96
CA GLN B 163 -19.13 -13.23 -17.02
C GLN B 163 -17.89 -12.78 -16.24
N ILE B 164 -17.91 -11.49 -15.78
CA ILE B 164 -16.80 -10.89 -15.04
C ILE B 164 -16.59 -11.64 -13.71
N MSE B 165 -17.68 -11.89 -12.96
CA MSE B 165 -17.56 -12.58 -11.68
CA MSE B 165 -17.64 -12.62 -11.69
C MSE B 165 -16.99 -13.99 -11.87
O MSE B 165 -16.10 -14.38 -11.12
CB MSE B 165 -18.88 -12.61 -10.93
CB MSE B 165 -19.06 -12.81 -11.10
CG MSE B 165 -19.37 -11.21 -10.64
CG MSE B 165 -19.74 -11.52 -10.67
SE MSE B 165 -20.52 -11.09 -9.12
SE MSE B 165 -18.68 -10.47 -9.45
CE MSE B 165 -21.95 -12.38 -9.65
CE MSE B 165 -18.78 -11.68 -7.89
N ALA B 166 -17.46 -14.72 -12.91
CA ALA B 166 -16.96 -16.07 -13.21
C ALA B 166 -15.45 -16.06 -13.47
N MSE B 167 -14.97 -15.11 -14.31
CA MSE B 167 -13.55 -15.03 -14.65
C MSE B 167 -12.70 -14.73 -13.42
O MSE B 167 -11.64 -15.35 -13.25
CB MSE B 167 -13.32 -13.97 -15.72
CG MSE B 167 -13.82 -14.41 -17.04
SE MSE B 167 -13.16 -13.27 -18.48
CE MSE B 167 -14.43 -11.82 -18.27
N ARG B 168 -13.13 -13.75 -12.61
CA ARG B 168 -12.48 -13.41 -11.36
C ARG B 168 -12.39 -14.64 -10.45
N LYS B 169 -13.47 -15.37 -10.28
CA LYS B 169 -13.45 -16.55 -9.39
C LYS B 169 -12.54 -17.68 -9.94
N MSE B 170 -12.55 -17.92 -11.28
CA MSE B 170 -11.69 -18.94 -11.90
C MSE B 170 -10.22 -18.58 -11.82
O MSE B 170 -9.41 -19.47 -11.56
CB MSE B 170 -12.08 -19.24 -13.34
CG MSE B 170 -13.42 -19.99 -13.37
SE MSE B 170 -13.92 -20.47 -15.13
CE MSE B 170 -14.77 -18.89 -15.60
N SER B 171 -9.89 -17.29 -11.90
CA SER B 171 -8.54 -16.76 -11.78
C SER B 171 -8.00 -17.00 -10.38
N GLY B 172 -8.86 -16.79 -9.39
CA GLY B 172 -8.55 -17.06 -7.99
C GLY B 172 -8.27 -18.54 -7.76
N THR B 173 -9.13 -19.41 -8.32
CA THR B 173 -8.96 -20.87 -8.19
C THR B 173 -7.66 -21.32 -8.87
N VAL B 174 -7.32 -20.74 -10.06
CA VAL B 174 -6.09 -21.08 -10.77
C VAL B 174 -4.88 -20.71 -9.90
N GLN B 175 -4.91 -19.51 -9.31
CA GLN B 175 -3.86 -18.99 -8.43
C GLN B 175 -3.68 -19.93 -7.22
N SER B 176 -4.78 -20.41 -6.61
CA SER B 176 -4.71 -21.39 -5.50
C SER B 176 -4.04 -22.70 -5.95
N ILE B 177 -4.40 -23.18 -7.16
CA ILE B 177 -3.82 -24.43 -7.69
C ILE B 177 -2.30 -24.25 -7.90
N MSE B 178 -1.88 -23.08 -8.46
CA MSE B 178 -0.47 -22.79 -8.71
C MSE B 178 0.28 -22.69 -7.40
O MSE B 178 1.39 -23.23 -7.30
CB MSE B 178 -0.31 -21.52 -9.55
CG MSE B 178 -0.63 -21.78 -11.04
SE MSE B 178 0.76 -22.92 -11.83
CE MSE B 178 1.94 -21.47 -12.30
N ASN B 179 -0.33 -22.09 -6.38
CA ASN B 179 0.24 -21.99 -5.05
C ASN B 179 0.48 -23.38 -4.45
N LEU B 180 -0.49 -24.27 -4.58
CA LEU B 180 -0.38 -25.64 -4.08
C LEU B 180 0.66 -26.44 -4.85
N TYR B 181 0.75 -26.20 -6.17
CA TYR B 181 1.73 -26.87 -7.00
C TYR B 181 3.15 -26.35 -6.70
N SER B 182 3.32 -25.02 -6.54
CA SER B 182 4.59 -24.30 -6.34
C SER B 182 5.43 -24.72 -5.12
N ARG B 183 4.96 -25.66 -4.31
CA ARG B 183 5.64 -26.07 -3.08
C ARG B 183 6.69 -27.12 -3.40
N LYS B 184 7.88 -26.63 -3.73
CA LYS B 184 9.05 -27.43 -4.03
C LYS B 184 9.32 -28.37 -2.85
N HIS B 185 9.51 -29.67 -3.16
CA HIS B 185 9.73 -30.76 -2.20
C HIS B 185 8.44 -31.16 -1.45
N ALA B 186 7.27 -30.60 -1.83
CA ALA B 186 6.03 -30.88 -1.11
C ALA B 186 4.77 -30.54 -1.92
N MSE B 187 4.77 -30.81 -3.22
CA MSE B 187 3.62 -30.59 -4.12
C MSE B 187 2.38 -31.31 -3.51
O MSE B 187 2.41 -32.50 -3.24
CB MSE B 187 3.93 -31.12 -5.52
CG MSE B 187 2.90 -30.70 -6.54
SE MSE B 187 2.76 -31.99 -7.91
CE MSE B 187 1.95 -33.43 -6.90
N ASP B 188 1.36 -30.54 -3.23
CA ASP B 188 0.19 -31.06 -2.53
C ASP B 188 -0.88 -31.53 -3.52
N GLY B 189 -0.75 -32.80 -3.93
CA GLY B 189 -1.60 -33.48 -4.90
C GLY B 189 -3.08 -33.49 -4.60
N VAL B 190 -3.42 -33.94 -3.41
CA VAL B 190 -4.79 -34.09 -2.93
C VAL B 190 -5.50 -32.72 -2.92
N ARG B 191 -4.82 -31.65 -2.42
CA ARG B 191 -5.38 -30.33 -2.41
C ARG B 191 -5.43 -29.79 -3.85
N ILE B 192 -4.41 -30.08 -4.69
CA ILE B 192 -4.50 -29.68 -6.11
C ILE B 192 -5.77 -30.31 -6.71
N ASP B 193 -5.98 -31.64 -6.48
CA ASP B 193 -7.14 -32.36 -7.02
C ASP B 193 -8.46 -31.74 -6.57
N LEU B 194 -8.58 -31.40 -5.26
CA LEU B 194 -9.78 -30.76 -4.73
C LEU B 194 -10.00 -29.41 -5.42
N LYS B 195 -8.93 -28.63 -5.64
CA LYS B 195 -9.08 -27.32 -6.30
C LYS B 195 -9.37 -27.48 -7.80
N MSE B 196 -8.90 -28.58 -8.41
CA MSE B 196 -9.17 -28.83 -9.83
C MSE B 196 -10.65 -29.17 -10.02
O MSE B 196 -11.25 -28.68 -10.98
CB MSE B 196 -8.26 -29.93 -10.37
CG MSE B 196 -6.84 -29.44 -10.49
SE MSE B 196 -6.52 -28.47 -12.18
CE MSE B 196 -6.59 -30.07 -13.36
N ALA B 197 -11.25 -29.92 -9.06
CA ALA B 197 -12.68 -30.26 -9.07
C ALA B 197 -13.51 -28.97 -8.89
N GLU B 198 -13.06 -28.08 -8.01
CA GLU B 198 -13.69 -26.75 -7.78
C GLU B 198 -13.65 -25.95 -9.11
N LEU B 199 -12.49 -25.89 -9.74
CA LEU B 199 -12.28 -25.22 -11.03
C LEU B 199 -13.17 -25.81 -12.15
N GLU B 200 -13.30 -27.17 -12.20
CA GLU B 200 -14.11 -27.86 -13.22
C GLU B 200 -15.58 -27.49 -13.03
N LYS B 201 -16.03 -27.38 -11.77
CA LYS B 201 -17.40 -27.01 -11.45
C LYS B 201 -17.67 -25.55 -11.87
N GLU B 202 -16.72 -24.64 -11.60
CA GLU B 202 -16.81 -23.24 -11.97
C GLU B 202 -16.83 -23.06 -13.49
N LEU B 203 -16.02 -23.83 -14.18
CA LEU B 203 -15.94 -23.77 -15.65
C LEU B 203 -17.27 -24.22 -16.30
N LYS B 204 -17.88 -25.30 -15.80
CA LYS B 204 -19.17 -25.84 -16.30
C LYS B 204 -20.31 -24.84 -16.03
N ALA B 205 -20.29 -24.17 -14.86
CA ALA B 205 -21.28 -23.14 -14.56
C ALA B 205 -21.07 -21.91 -15.48
N ALA B 206 -19.80 -21.50 -15.74
CA ALA B 206 -19.47 -20.36 -16.63
C ALA B 206 -19.92 -20.60 -18.07
N GLU B 207 -19.76 -21.87 -18.58
CA GLU B 207 -20.18 -22.24 -19.93
C GLU B 207 -21.70 -22.12 -20.11
N LYS B 208 -22.48 -22.13 -19.01
CA LYS B 208 -23.94 -22.04 -19.02
C LYS B 208 -24.44 -20.60 -18.88
N ILE B 209 -23.53 -19.61 -18.64
CA ILE B 209 -23.91 -18.19 -18.47
C ILE B 209 -24.55 -17.72 -19.79
N PRO B 210 -25.79 -17.16 -19.72
CA PRO B 210 -26.44 -16.72 -20.96
C PRO B 210 -25.74 -15.53 -21.60
N ALA B 211 -25.61 -15.57 -22.94
CA ALA B 211 -25.00 -14.50 -23.73
C ALA B 211 -25.84 -13.22 -23.65
N VAL B 212 -25.19 -12.05 -23.72
CA VAL B 212 -25.86 -10.75 -23.67
C VAL B 212 -25.70 -10.09 -25.03
N THR B 213 -26.82 -9.61 -25.60
CA THR B 213 -26.86 -8.95 -26.90
C THR B 213 -26.11 -7.61 -26.84
N GLY B 214 -25.28 -7.36 -27.86
CA GLY B 214 -24.49 -6.14 -28.01
C GLY B 214 -23.13 -6.18 -27.35
N TYR B 215 -22.64 -7.39 -26.98
CA TYR B 215 -21.35 -7.56 -26.29
C TYR B 215 -20.57 -8.74 -26.89
N ASP B 216 -20.59 -8.87 -28.24
CA ASP B 216 -19.93 -9.99 -28.96
C ASP B 216 -18.40 -9.97 -28.80
N GLU B 217 -17.80 -8.78 -28.72
CA GLU B 217 -16.37 -8.62 -28.55
C GLU B 217 -15.95 -9.11 -27.17
N GLU B 218 -16.68 -8.69 -26.12
CA GLU B 218 -16.42 -9.13 -24.76
C GLU B 218 -16.73 -10.61 -24.61
N LEU B 219 -17.73 -11.14 -25.33
CA LEU B 219 -18.08 -12.57 -25.29
C LEU B 219 -16.98 -13.44 -25.91
N LYS B 220 -16.38 -12.99 -27.03
CA LYS B 220 -15.28 -13.73 -27.66
C LYS B 220 -14.09 -13.82 -26.68
N ASN B 221 -13.78 -12.74 -25.95
CA ASN B 221 -12.65 -12.75 -25.01
C ASN B 221 -13.02 -13.58 -23.77
N PHE B 222 -14.31 -13.66 -23.41
CA PHE B 222 -14.75 -14.53 -22.30
C PHE B 222 -14.58 -16.00 -22.72
N GLN B 223 -14.98 -16.35 -23.94
CA GLN B 223 -14.82 -17.70 -24.51
C GLN B 223 -13.34 -18.09 -24.58
N SER B 224 -12.44 -17.15 -24.92
CA SER B 224 -10.99 -17.38 -24.94
C SER B 224 -10.48 -17.67 -23.54
N PHE B 225 -11.03 -16.95 -22.53
CA PHE B 225 -10.70 -17.18 -21.11
C PHE B 225 -11.04 -18.62 -20.75
N LEU B 226 -12.25 -19.11 -21.11
CA LEU B 226 -12.70 -20.47 -20.82
C LEU B 226 -11.76 -21.51 -21.44
N SER B 227 -11.37 -21.30 -22.70
CA SER B 227 -10.43 -22.15 -23.44
C SER B 227 -9.05 -22.21 -22.74
N THR B 228 -8.55 -21.06 -22.23
CA THR B 228 -7.28 -20.94 -21.49
C THR B 228 -7.37 -21.69 -20.15
N VAL B 229 -8.55 -21.68 -19.51
CA VAL B 229 -8.73 -22.42 -18.26
C VAL B 229 -8.59 -23.93 -18.55
N LYS B 230 -9.26 -24.44 -19.61
CA LYS B 230 -9.16 -25.88 -19.99
C LYS B 230 -7.72 -26.24 -20.34
N SER B 231 -6.97 -25.33 -21.00
CA SER B 231 -5.57 -25.57 -21.35
C SER B 231 -4.74 -25.66 -20.11
N PHE B 232 -5.01 -24.76 -19.15
CA PHE B 232 -4.32 -24.73 -17.86
C PHE B 232 -4.55 -26.03 -17.16
N MSE B 233 -5.78 -26.46 -17.14
CA MSE B 233 -6.21 -27.71 -16.48
C MSE B 233 -5.52 -28.97 -17.08
O MSE B 233 -5.13 -29.86 -16.33
CB MSE B 233 -7.74 -27.84 -16.56
CG MSE B 233 -8.40 -26.95 -15.51
SE MSE B 233 -10.33 -27.05 -15.57
CE MSE B 233 -10.56 -28.39 -14.32
N ASN B 234 -5.32 -28.98 -18.41
CA ASN B 234 -4.63 -30.09 -19.09
C ASN B 234 -3.15 -30.08 -18.71
N ASP B 235 -2.54 -28.89 -18.68
CA ASP B 235 -1.14 -28.71 -18.33
C ASP B 235 -0.91 -29.06 -16.86
N MSE B 236 -1.81 -28.61 -15.96
CA MSE B 236 -1.69 -28.87 -14.52
C MSE B 236 -1.95 -30.35 -14.23
O MSE B 236 -1.21 -30.93 -13.47
CB MSE B 236 -2.60 -27.95 -13.67
CG MSE B 236 -2.49 -28.19 -12.17
SE MSE B 236 -0.62 -28.17 -11.51
CE MSE B 236 -0.34 -26.20 -11.44
N GLN B 237 -2.93 -30.97 -14.89
CA GLN B 237 -3.17 -32.41 -14.70
C GLN B 237 -1.88 -33.21 -14.96
N LYS B 238 -1.17 -32.91 -16.06
CA LYS B 238 0.07 -33.54 -16.48
C LYS B 238 1.18 -33.25 -15.49
N ALA B 239 1.33 -31.98 -15.07
CA ALA B 239 2.37 -31.58 -14.13
C ALA B 239 2.17 -32.31 -12.79
N ARG B 240 0.94 -32.33 -12.29
CA ARG B 240 0.56 -32.91 -11.01
C ARG B 240 0.71 -34.47 -11.01
N SER B 241 0.51 -35.12 -12.18
CA SER B 241 0.63 -36.58 -12.34
CA SER B 241 0.60 -36.58 -12.25
C SER B 241 2.05 -37.10 -12.03
N LYS B 242 3.06 -36.21 -12.05
CA LYS B 242 4.46 -36.59 -11.84
C LYS B 242 4.75 -36.84 -10.37
N GLY B 243 3.81 -36.41 -9.51
CA GLY B 243 3.85 -36.55 -8.07
C GLY B 243 4.83 -35.64 -7.37
N ALA B 244 5.48 -34.73 -8.11
CA ALA B 244 6.46 -33.83 -7.52
C ALA B 244 6.57 -32.55 -8.31
N TYR B 245 6.94 -31.46 -7.61
CA TYR B 245 7.16 -30.15 -8.19
C TYR B 245 8.35 -30.21 -9.12
N SER B 246 8.21 -29.57 -10.28
CA SER B 246 9.25 -29.46 -11.27
C SER B 246 9.50 -27.97 -11.54
N ASP B 247 10.76 -27.50 -11.49
CA ASP B 247 11.01 -26.08 -11.82
C ASP B 247 10.62 -25.81 -13.29
N LYS B 248 10.88 -26.79 -14.19
CA LYS B 248 10.60 -26.71 -15.62
C LYS B 248 9.08 -26.57 -15.88
N GLU B 249 8.25 -27.35 -15.14
CA GLU B 249 6.78 -27.31 -15.29
C GLU B 249 6.22 -26.00 -14.72
N TYR B 250 6.72 -25.58 -13.58
CA TYR B 250 6.27 -24.37 -12.92
C TYR B 250 6.63 -23.12 -13.74
N GLN B 251 7.87 -23.05 -14.25
CA GLN B 251 8.30 -21.92 -15.09
C GLN B 251 7.41 -21.85 -16.35
N ALA B 252 7.21 -22.99 -17.04
CA ALA B 252 6.37 -23.10 -18.24
C ALA B 252 4.94 -22.65 -18.00
N MSE B 253 4.31 -23.19 -16.97
CA MSE B 253 2.93 -22.86 -16.66
C MSE B 253 2.79 -21.42 -16.15
O MSE B 253 1.77 -20.78 -16.44
CB MSE B 253 2.38 -23.83 -15.64
CG MSE B 253 2.04 -25.20 -16.25
SE MSE B 253 1.10 -26.23 -14.91
CE MSE B 253 2.75 -26.61 -13.79
N SER B 254 3.77 -20.92 -15.37
CA SER B 254 3.63 -19.55 -14.86
C SER B 254 3.76 -18.54 -15.98
N GLU B 255 4.60 -18.83 -16.97
CA GLU B 255 4.79 -17.98 -18.14
C GLU B 255 3.57 -18.05 -19.07
N ALA B 256 3.02 -19.26 -19.28
CA ALA B 256 1.90 -19.49 -20.18
C ALA B 256 0.58 -18.89 -19.70
N TYR B 257 0.39 -18.77 -18.38
CA TYR B 257 -0.92 -18.36 -17.83
C TYR B 257 -0.94 -17.06 -17.04
N GLU B 258 0.23 -16.47 -16.79
CA GLU B 258 0.42 -15.18 -16.11
C GLU B 258 -0.58 -14.11 -16.60
N TYR B 259 -0.60 -13.83 -17.90
CA TYR B 259 -1.40 -12.76 -18.48
C TYR B 259 -2.80 -13.18 -18.86
N GLY B 260 -2.98 -14.42 -19.30
CA GLY B 260 -4.30 -14.95 -19.66
C GLY B 260 -5.19 -15.21 -18.46
N LEU B 261 -4.60 -15.69 -17.36
CA LEU B 261 -5.43 -16.01 -16.19
C LEU B 261 -5.09 -15.13 -14.99
N SER B 262 -4.64 -13.87 -15.22
CA SER B 262 -4.24 -12.89 -14.19
C SER B 262 -5.33 -12.68 -13.16
N VAL B 263 -4.92 -12.66 -11.88
CA VAL B 263 -5.77 -12.51 -10.69
C VAL B 263 -5.82 -11.06 -10.13
N ILE B 264 -5.57 -10.03 -11.01
CA ILE B 264 -5.65 -8.63 -10.60
C ILE B 264 -7.13 -8.17 -10.54
C1 PEG C . -6.31 0.89 -12.42
O1 PEG C . -5.83 0.56 -11.12
C2 PEG C . -5.41 1.82 -13.18
O2 PEG C . -4.30 1.16 -13.83
C3 PEG C . -3.10 0.92 -13.07
C4 PEG C . -1.95 0.67 -13.99
O4 PEG C . -1.83 1.74 -14.94
C1 EDO D . 17.51 23.64 16.41
O1 EDO D . 18.34 23.18 15.33
C2 EDO D . 16.04 23.74 16.00
O2 EDO D . 15.73 24.77 15.04
C1 EDO E . 11.63 15.52 7.63
O1 EDO E . 12.85 16.06 7.10
C2 EDO E . 10.53 15.39 6.57
O2 EDO E . 9.47 16.32 6.88
C1 EDO F . -17.07 -8.65 6.46
O1 EDO F . -15.74 -8.84 6.97
C2 EDO F . -17.28 -7.29 5.78
O2 EDO F . -16.34 -7.06 4.71
C1 EDO G . 6.46 -19.42 -0.82
O1 EDO G . 6.73 -20.73 -0.32
C2 EDO G . 4.98 -19.16 -1.07
O2 EDO G . 4.51 -19.98 -2.15
C1 EDO H . -8.12 -12.14 -18.53
O1 EDO H . -7.68 -12.72 -17.30
C2 EDO H . -7.14 -11.03 -18.92
O2 EDO H . -6.03 -11.60 -19.63
#